data_1MUE
#
_entry.id   1MUE
#
_cell.length_a   71.01
_cell.length_b   72.11
_cell.length_c   72.84
_cell.angle_alpha   90
_cell.angle_beta   100.66
_cell.angle_gamma   90
#
_symmetry.space_group_name_H-M   'C 1 2 1'
#
loop_
_entity.id
_entity.type
_entity.pdbx_description
1 polymer THROMBIN
2 polymer THROMBIN
3 polymer 'HIRUDIN IIB'
4 non-polymer 2-(6-CHLORO-3-{[2,2-DIFLUORO-2-(1-OXIDO-2-PYRIDINYL)ETHYL]AMINO}-2-OXO-1(2H)-PYRAZINYL)-N-[(2-FLUOROPHENYL)METHYL]ACETAMIDE
5 water water
#
loop_
_entity_poly.entity_id
_entity_poly.type
_entity_poly.pdbx_seq_one_letter_code
_entity_poly.pdbx_strand_id
1 'polypeptide(L)' TFGSGEADCGLRPLFEKKSLEDKTERELLESYIDGR A
2 'polypeptide(L)'
;IVEGSDAEIGMSPWQVMLFRKSPQELLCGASLISDRWVLTAAHCLLYPPWDKNFTENDLLVRIGKHSRTRYERNIEKISM
LEKIYIHPRYNWRENLDRDIALMKLKKPVAFSDYIHPVCLPDRETAASLLQAGYKGRVTGWGNLKETWTANVGKGQPSVL
QVVNLPIVERPVCKDSTRIRITDNMFCAGYKPDEGKRGDACEGDSGGPFVMKSPFNNRWYQMGIVSWGEGCDRDGKYGFY
THVFRLKKWIQKVIDQFGE
;
B
3 'polypeptide(L)' DFEEIPEE(TYS)LQ C
#
loop_
_chem_comp.id
_chem_comp.type
_chem_comp.name
_chem_comp.formula
CDD non-polymer 2-(6-CHLORO-3-{[2,2-DIFLUORO-2-(1-OXIDO-2-PYRIDINYL)ETHYL]AMINO}-2-OXO-1(2H)-PYRAZINYL)-N-[(2-FLUOROPHENYL)METHYL]ACETAMIDE 'C20 H17 Cl F3 N5 O3'
#
# COMPACT_ATOMS: atom_id res chain seq x y z
N ASP A 8 -14.77 2.01 -12.80
CA ASP A 8 -14.71 3.35 -12.13
C ASP A 8 -13.48 3.51 -11.20
N CYS A 9 -12.63 2.49 -11.19
CA CYS A 9 -11.42 2.48 -10.36
C CYS A 9 -10.50 3.64 -10.61
N GLY A 10 -9.78 4.04 -9.56
CA GLY A 10 -8.80 5.09 -9.70
C GLY A 10 -9.27 6.51 -9.86
N LEU A 11 -10.58 6.76 -9.87
CA LEU A 11 -11.11 8.13 -9.99
C LEU A 11 -11.68 8.50 -8.61
N ARG A 12 -11.00 9.40 -7.91
CA ARG A 12 -11.41 9.77 -6.56
C ARG A 12 -12.62 10.72 -6.52
N PRO A 13 -13.63 10.38 -5.71
CA PRO A 13 -14.84 11.19 -5.57
C PRO A 13 -14.56 12.64 -5.21
N LEU A 14 -13.58 12.88 -4.34
CA LEU A 14 -13.30 14.25 -3.92
C LEU A 14 -12.29 14.99 -4.75
N PHE A 15 -11.76 14.34 -5.79
CA PHE A 15 -10.77 15.02 -6.62
C PHE A 15 -11.08 14.91 -8.11
N GLU A 16 -10.68 13.81 -8.77
CA GLU A 16 -10.92 13.64 -10.21
C GLU A 16 -12.38 13.86 -10.62
N LYS A 17 -13.28 13.26 -9.86
CA LYS A 17 -14.70 13.38 -10.18
C LYS A 17 -15.27 14.79 -10.05
N LYS A 18 -14.53 15.69 -9.40
CA LYS A 18 -14.96 17.07 -9.22
C LYS A 18 -13.99 17.96 -9.96
N SER A 19 -13.00 17.34 -10.57
CA SER A 19 -11.98 18.08 -11.29
C SER A 19 -11.13 18.97 -10.35
N LEU A 20 -10.83 18.45 -9.16
CA LEU A 20 -9.97 19.15 -8.19
C LEU A 20 -8.66 18.34 -8.08
N GLU A 21 -7.52 19.04 -8.04
CA GLU A 21 -6.23 18.37 -7.93
C GLU A 21 -5.80 18.36 -6.48
N ASP A 22 -5.12 17.30 -6.03
CA ASP A 22 -4.63 17.29 -4.65
C ASP A 22 -3.35 18.13 -4.64
N LYS A 23 -2.91 18.56 -3.46
CA LYS A 23 -1.74 19.42 -3.39
C LYS A 23 -0.39 19.01 -3.93
N THR A 24 -0.17 17.73 -4.20
CA THR A 24 1.14 17.34 -4.74
C THR A 24 1.09 16.44 -5.97
N GLU A 25 -0.09 16.17 -6.52
CA GLU A 25 -0.15 15.28 -7.68
C GLU A 25 0.59 15.82 -8.90
N ARG A 26 0.70 17.14 -8.98
CA ARG A 26 1.39 17.78 -10.08
C ARG A 26 2.86 17.32 -10.14
N GLU A 27 3.47 17.11 -8.97
CA GLU A 27 4.85 16.66 -8.86
C GLU A 27 5.02 15.30 -9.57
N LEU A 28 3.99 14.46 -9.47
CA LEU A 28 4.03 13.16 -10.10
C LEU A 28 3.98 13.32 -11.60
N LEU A 29 2.99 14.08 -12.06
CA LEU A 29 2.80 14.30 -13.49
C LEU A 29 3.98 15.00 -14.13
N GLU A 30 4.66 15.84 -13.37
CA GLU A 30 5.82 16.55 -13.90
C GLU A 30 7.04 15.65 -14.02
N SER A 31 7.01 14.49 -13.38
CA SER A 31 8.15 13.58 -13.44
C SER A 31 8.05 12.64 -14.64
N TYR A 32 6.85 12.54 -15.20
CA TYR A 32 6.63 11.64 -16.33
C TYR A 32 7.07 12.30 -17.60
N ILE A 33 8.37 12.54 -17.72
CA ILE A 33 8.92 13.19 -18.91
C ILE A 33 8.79 12.36 -20.18
N ILE B 1 5.52 6.51 7.63
CA ILE B 1 6.17 7.30 6.56
C ILE B 1 7.12 8.32 7.18
N VAL B 2 8.30 8.44 6.60
CA VAL B 2 9.33 9.34 7.06
C VAL B 2 9.47 10.51 6.10
N GLU B 3 9.45 11.72 6.64
CA GLU B 3 9.56 12.94 5.85
C GLU B 3 8.39 13.14 4.89
N GLY B 4 7.22 12.61 5.26
CA GLY B 4 6.04 12.77 4.43
C GLY B 4 5.20 13.91 5.00
N SER B 5 3.95 14.05 4.58
CA SER B 5 3.11 15.11 5.10
C SER B 5 1.72 14.53 5.28
N ASP B 6 0.86 15.25 6.00
CA ASP B 6 -0.51 14.79 6.23
C ASP B 6 -1.25 14.65 4.91
N ALA B 7 -2.01 13.58 4.77
CA ALA B 7 -2.78 13.40 3.55
C ALA B 7 -4.00 14.31 3.65
N GLU B 8 -4.58 14.66 2.50
CA GLU B 8 -5.79 15.47 2.49
C GLU B 8 -6.93 14.48 2.66
N ILE B 9 -8.09 14.96 3.08
CA ILE B 9 -9.23 14.07 3.25
C ILE B 9 -9.62 13.52 1.87
N GLY B 10 -9.88 12.21 1.80
CA GLY B 10 -10.26 11.57 0.55
C GLY B 10 -9.17 11.46 -0.51
N MET B 11 -7.92 11.73 -0.12
CA MET B 11 -6.77 11.67 -1.03
C MET B 11 -6.38 10.27 -1.51
N SER B 12 -6.56 9.25 -0.66
CA SER B 12 -6.26 7.87 -1.00
C SER B 12 -7.42 7.03 -0.48
N PRO B 13 -8.56 7.10 -1.17
CA PRO B 13 -9.75 6.35 -0.75
C PRO B 13 -9.64 4.82 -0.81
N TRP B 14 -8.54 4.31 -1.34
CA TRP B 14 -8.32 2.86 -1.42
C TRP B 14 -7.44 2.39 -0.25
N GLN B 15 -6.90 3.32 0.53
CA GLN B 15 -6.03 2.96 1.66
C GLN B 15 -6.81 2.16 2.68
N VAL B 16 -6.27 1.01 3.07
CA VAL B 16 -6.92 0.13 4.04
C VAL B 16 -5.97 -0.07 5.23
N MET B 17 -6.54 -0.21 6.42
CA MET B 17 -5.73 -0.45 7.62
C MET B 17 -5.99 -1.87 8.08
N LEU B 18 -4.91 -2.64 8.23
CA LEU B 18 -5.04 -4.00 8.74
C LEU B 18 -4.95 -3.84 10.25
N PHE B 19 -6.01 -4.21 10.94
CA PHE B 19 -6.12 -4.04 12.38
C PHE B 19 -6.26 -5.34 13.15
N ARG B 20 -5.41 -5.50 14.15
CA ARG B 20 -5.44 -6.69 14.99
C ARG B 20 -6.46 -6.49 16.13
N LYS B 21 -7.31 -7.48 16.33
CA LYS B 21 -8.34 -7.43 17.37
C LYS B 21 -7.79 -7.41 18.79
N SER B 22 -6.87 -8.31 19.11
CA SER B 22 -6.33 -8.38 20.46
C SER B 22 -4.87 -8.80 20.52
N PRO B 23 -4.00 -7.89 20.96
CA PRO B 23 -4.40 -6.55 21.36
C PRO B 23 -4.82 -5.76 20.13
N GLN B 24 -5.55 -4.67 20.35
CA GLN B 24 -6.01 -3.84 19.26
C GLN B 24 -4.78 -3.07 18.81
N GLU B 25 -4.34 -3.33 17.57
CA GLU B 25 -3.16 -2.62 17.06
C GLU B 25 -3.08 -2.62 15.54
N LEU B 26 -2.42 -1.60 15.00
CA LEU B 26 -2.23 -1.46 13.57
C LEU B 26 -1.19 -2.47 13.14
N LEU B 27 -1.55 -3.34 12.20
CA LEU B 27 -0.59 -4.34 11.73
C LEU B 27 0.15 -3.91 10.46
N CYS B 28 -0.61 -3.40 9.50
CA CYS B 28 -0.05 -3.02 8.20
C CYS B 28 -1.04 -2.18 7.42
N GLY B 29 -0.60 -1.70 6.27
CA GLY B 29 -1.44 -0.97 5.35
C GLY B 29 -1.95 -2.02 4.36
N ALA B 30 -2.85 -1.64 3.46
CA ALA B 30 -3.39 -2.57 2.47
C ALA B 30 -4.14 -1.66 1.50
N SER B 31 -4.75 -2.23 0.46
CA SER B 31 -5.48 -1.41 -0.51
C SER B 31 -6.75 -2.10 -1.01
N LEU B 32 -7.77 -1.29 -1.32
CA LEU B 32 -9.03 -1.82 -1.80
C LEU B 32 -8.99 -1.84 -3.33
N ILE B 33 -9.18 -3.03 -3.91
CA ILE B 33 -9.14 -3.16 -5.36
C ILE B 33 -10.52 -3.46 -5.97
N SER B 34 -11.50 -3.75 -5.11
CA SER B 34 -12.88 -3.99 -5.54
C SER B 34 -13.70 -3.92 -4.27
N ASP B 35 -15.02 -4.10 -4.38
CA ASP B 35 -15.88 -4.02 -3.20
C ASP B 35 -15.73 -5.21 -2.27
N ARG B 36 -14.99 -6.21 -2.70
CA ARG B 36 -14.84 -7.41 -1.89
C ARG B 36 -13.39 -7.86 -1.69
N TRP B 37 -12.45 -7.23 -2.39
CA TRP B 37 -11.06 -7.66 -2.29
C TRP B 37 -10.05 -6.61 -1.81
N VAL B 38 -9.12 -7.07 -0.99
CA VAL B 38 -8.07 -6.21 -0.45
C VAL B 38 -6.71 -6.83 -0.77
N LEU B 39 -5.76 -6.00 -1.19
CA LEU B 39 -4.41 -6.45 -1.55
C LEU B 39 -3.43 -5.95 -0.49
N THR B 40 -2.49 -6.82 -0.08
CA THR B 40 -1.51 -6.45 0.94
C THR B 40 -0.24 -7.30 0.74
N ALA B 41 0.76 -7.08 1.59
CA ALA B 41 2.02 -7.83 1.56
C ALA B 41 1.87 -9.12 2.37
N ALA B 42 2.30 -10.24 1.80
CA ALA B 42 2.20 -11.53 2.50
C ALA B 42 2.91 -11.57 3.87
N HIS B 43 3.98 -10.82 4.03
CA HIS B 43 4.70 -10.81 5.30
C HIS B 43 3.93 -10.17 6.45
N CYS B 44 2.84 -9.49 6.11
CA CYS B 44 1.99 -8.86 7.10
C CYS B 44 1.19 -9.95 7.81
N LEU B 45 0.99 -11.06 7.11
CA LEU B 45 0.21 -12.17 7.64
C LEU B 45 1.04 -13.37 8.06
N LEU B 46 2.08 -13.67 7.28
CA LEU B 46 2.92 -14.83 7.55
C LEU B 46 4.40 -14.49 7.47
N TYR B 47 5.08 -14.67 8.61
CA TYR B 47 6.50 -14.45 8.69
C TYR B 47 7.07 -15.27 9.84
N PRO B 48 7.28 -16.57 9.59
CA PRO B 48 7.81 -17.53 10.57
C PRO B 48 9.01 -17.06 11.43
N PRO B 49 9.98 -16.35 10.83
CA PRO B 49 11.11 -15.92 11.66
C PRO B 49 10.71 -15.15 12.92
N TRP B 50 9.55 -14.50 12.88
CA TRP B 50 9.05 -13.74 14.03
C TRP B 50 7.78 -14.41 14.52
N ASP B 51 7.66 -15.69 14.22
CA ASP B 51 6.50 -16.47 14.60
C ASP B 51 5.17 -15.82 14.24
N LYS B 52 5.16 -15.05 13.16
CA LYS B 52 3.94 -14.39 12.74
C LYS B 52 3.16 -15.25 11.75
N ASN B 53 1.91 -15.54 12.07
CA ASN B 53 1.05 -16.32 11.20
C ASN B 53 -0.41 -16.08 11.57
N PHE B 54 -0.98 -14.97 11.10
CA PHE B 54 -2.38 -14.61 11.38
C PHE B 54 -3.38 -15.34 10.49
N THR B 55 -4.59 -15.55 11.00
CA THR B 55 -5.64 -16.18 10.21
C THR B 55 -6.81 -15.19 10.11
N GLU B 56 -7.79 -15.51 9.27
CA GLU B 56 -8.93 -14.65 9.06
C GLU B 56 -9.55 -14.08 10.33
N ASN B 57 -9.74 -14.92 11.34
CA ASN B 57 -10.37 -14.45 12.56
C ASN B 57 -9.54 -13.60 13.50
N ASP B 58 -8.27 -13.43 13.17
CA ASP B 58 -7.39 -12.63 14.02
C ASP B 58 -7.41 -11.18 13.62
N LEU B 59 -7.95 -10.91 12.44
CA LEU B 59 -7.92 -9.54 11.91
C LEU B 59 -9.21 -8.86 11.54
N LEU B 60 -9.07 -7.55 11.35
CA LEU B 60 -10.13 -6.68 10.93
C LEU B 60 -9.54 -5.70 9.90
N VAL B 61 -10.35 -5.39 8.90
CA VAL B 61 -10.00 -4.48 7.84
C VAL B 61 -10.79 -3.18 8.07
N ARG B 62 -10.09 -2.06 8.19
CA ARG B 62 -10.74 -0.77 8.41
C ARG B 62 -10.54 0.12 7.18
N ILE B 63 -11.63 0.43 6.48
CA ILE B 63 -11.58 1.21 5.25
C ILE B 63 -12.23 2.59 5.38
N GLY B 64 -11.64 3.58 4.71
CA GLY B 64 -12.18 4.94 4.74
C GLY B 64 -11.61 5.82 5.84
N LYS B 65 -10.50 5.38 6.44
CA LYS B 65 -9.89 6.10 7.54
C LYS B 65 -8.94 7.24 7.19
N HIS B 66 -8.73 8.13 8.17
CA HIS B 66 -7.83 9.25 8.03
C HIS B 66 -6.98 9.30 9.30
N SER B 67 -7.66 9.36 10.43
CA SER B 67 -6.97 9.38 11.71
C SER B 67 -6.53 7.95 12.01
N ARG B 68 -5.32 7.79 12.53
CA ARG B 68 -4.78 6.47 12.85
C ARG B 68 -5.52 5.74 13.99
N THR B 69 -5.66 6.41 15.13
CA THR B 69 -6.27 5.79 16.32
C THR B 69 -7.76 5.96 16.59
N ARG B 70 -8.38 6.99 16.05
CA ARG B 70 -9.79 7.22 16.33
C ARG B 70 -10.76 6.37 15.52
N TYR B 71 -11.87 5.99 16.13
CA TYR B 71 -12.88 5.21 15.42
C TYR B 71 -13.76 6.23 14.72
N GLU B 72 -13.46 6.49 13.45
CA GLU B 72 -14.16 7.48 12.65
C GLU B 72 -15.61 7.12 12.30
N ARG B 73 -16.46 7.27 13.33
CA ARG B 73 -17.89 7.00 13.29
C ARG B 73 -18.56 7.69 12.11
N ASN B 74 -19.36 6.92 11.39
CA ASN B 74 -20.07 7.41 10.21
C ASN B 74 -19.18 7.56 8.97
N ILE B 75 -17.86 7.44 9.14
CA ILE B 75 -16.93 7.57 8.02
C ILE B 75 -16.28 6.23 7.60
N GLU B 76 -15.53 5.61 8.51
CA GLU B 76 -14.87 4.35 8.20
C GLU B 76 -15.83 3.16 8.27
N LYS B 77 -15.43 2.06 7.65
CA LYS B 77 -16.19 0.83 7.65
C LYS B 77 -15.20 -0.26 8.07
N ILE B 78 -15.63 -1.12 8.98
CA ILE B 78 -14.80 -2.20 9.48
C ILE B 78 -15.33 -3.49 8.89
N SER B 79 -14.44 -4.31 8.32
CA SER B 79 -14.87 -5.56 7.72
C SER B 79 -14.10 -6.74 8.26
N MET B 80 -14.75 -7.90 8.20
CA MET B 80 -14.18 -9.17 8.63
C MET B 80 -13.71 -9.86 7.38
N LEU B 81 -12.78 -10.79 7.55
CA LEU B 81 -12.22 -11.51 6.41
C LEU B 81 -12.87 -12.86 6.27
N GLU B 82 -13.04 -13.27 5.02
CA GLU B 82 -13.63 -14.55 4.71
C GLU B 82 -12.51 -15.57 4.39
N LYS B 83 -11.48 -15.12 3.69
CA LYS B 83 -10.38 -15.99 3.33
C LYS B 83 -9.16 -15.20 2.94
N ILE B 84 -8.00 -15.66 3.39
CA ILE B 84 -6.73 -15.01 3.09
C ILE B 84 -6.04 -15.89 2.06
N TYR B 85 -5.44 -15.28 1.05
CA TYR B 85 -4.72 -16.04 0.03
C TYR B 85 -3.31 -15.50 -0.05
N ILE B 86 -2.34 -16.37 0.20
CA ILE B 86 -0.94 -15.98 0.15
C ILE B 86 -0.35 -16.62 -1.11
N HIS B 87 0.49 -15.89 -1.83
CA HIS B 87 1.09 -16.44 -3.03
C HIS B 87 1.80 -17.75 -2.66
N PRO B 88 1.53 -18.84 -3.40
CA PRO B 88 2.15 -20.14 -3.12
C PRO B 88 3.68 -20.08 -3.12
N ARG B 89 4.28 -19.19 -3.89
CA ARG B 89 5.73 -19.09 -3.92
C ARG B 89 6.34 -17.89 -3.20
N TYR B 90 5.64 -17.39 -2.20
CA TYR B 90 6.12 -16.27 -1.38
C TYR B 90 7.42 -16.80 -0.72
N ASN B 91 8.51 -16.07 -0.89
CA ASN B 91 9.80 -16.49 -0.33
C ASN B 91 10.19 -15.80 1.00
N TRP B 92 9.62 -16.26 2.11
CA TRP B 92 9.93 -15.66 3.41
C TRP B 92 11.26 -16.10 3.96
N ARG B 93 11.81 -17.18 3.42
CA ARG B 93 13.09 -17.70 3.91
C ARG B 93 14.27 -16.88 3.51
N GLU B 94 14.19 -16.26 2.34
CA GLU B 94 15.34 -15.52 1.86
C GLU B 94 15.23 -14.02 1.60
N ASN B 95 14.37 -13.62 0.66
CA ASN B 95 14.29 -12.21 0.30
C ASN B 95 12.91 -11.56 0.16
N LEU B 96 11.87 -12.24 0.63
CA LEU B 96 10.50 -11.75 0.54
C LEU B 96 10.07 -11.62 -0.92
N ASP B 97 10.55 -12.52 -1.76
CA ASP B 97 10.19 -12.55 -3.17
C ASP B 97 8.72 -12.95 -3.24
N ARG B 98 7.96 -12.25 -4.08
CA ARG B 98 6.52 -12.48 -4.23
C ARG B 98 5.77 -12.20 -2.91
N ASP B 99 6.09 -11.06 -2.32
CA ASP B 99 5.48 -10.64 -1.06
C ASP B 99 4.09 -10.06 -1.39
N ILE B 100 3.10 -10.93 -1.55
CA ILE B 100 1.76 -10.47 -1.91
C ILE B 100 0.71 -11.42 -1.39
N ALA B 101 -0.44 -10.87 -1.01
CA ALA B 101 -1.55 -11.67 -0.50
C ALA B 101 -2.84 -10.93 -0.80
N LEU B 102 -3.90 -11.71 -1.01
CA LEU B 102 -5.24 -11.17 -1.27
C LEU B 102 -6.15 -11.56 -0.11
N MET B 103 -7.07 -10.67 0.23
CA MET B 103 -8.01 -10.93 1.31
C MET B 103 -9.44 -10.67 0.81
N LYS B 104 -10.28 -11.68 0.91
CA LYS B 104 -11.68 -11.60 0.50
C LYS B 104 -12.50 -11.22 1.72
N LEU B 105 -13.25 -10.13 1.62
CA LEU B 105 -14.08 -9.68 2.73
C LEU B 105 -15.35 -10.52 2.81
N LYS B 106 -15.95 -10.59 4.00
CA LYS B 106 -17.18 -11.37 4.16
C LYS B 106 -18.34 -10.82 3.30
N LYS B 107 -18.45 -9.51 3.24
CA LYS B 107 -19.50 -8.85 2.46
C LYS B 107 -18.94 -7.60 1.84
N PRO B 108 -19.42 -7.26 0.63
CA PRO B 108 -18.97 -6.07 -0.11
C PRO B 108 -19.07 -4.79 0.70
N VAL B 109 -18.12 -3.90 0.49
CA VAL B 109 -18.13 -2.62 1.17
C VAL B 109 -18.85 -1.70 0.21
N ALA B 110 -19.54 -0.70 0.75
CA ALA B 110 -20.22 0.26 -0.10
C ALA B 110 -19.25 1.40 -0.30
N PHE B 111 -19.11 1.86 -1.53
CA PHE B 111 -18.20 2.97 -1.81
C PHE B 111 -18.81 4.27 -1.31
N SER B 112 -17.97 5.29 -1.14
CA SER B 112 -18.42 6.57 -0.63
C SER B 112 -17.35 7.56 -1.04
N ASP B 113 -17.44 8.79 -0.55
CA ASP B 113 -16.45 9.80 -0.86
C ASP B 113 -15.07 9.42 -0.31
N TYR B 114 -15.07 8.56 0.70
CA TYR B 114 -13.80 8.19 1.37
C TYR B 114 -13.33 6.76 1.08
N ILE B 115 -14.15 6.00 0.38
CA ILE B 115 -13.88 4.59 0.07
C ILE B 115 -14.10 4.38 -1.43
N HIS B 116 -13.05 3.99 -2.14
CA HIS B 116 -13.15 3.80 -3.57
C HIS B 116 -11.92 2.98 -3.98
N PRO B 117 -12.09 1.98 -4.86
CA PRO B 117 -10.96 1.15 -5.28
C PRO B 117 -9.93 1.78 -6.24
N VAL B 118 -8.70 1.29 -6.17
CA VAL B 118 -7.64 1.77 -7.04
C VAL B 118 -7.61 0.78 -8.22
N CYS B 119 -7.05 1.19 -9.36
CA CYS B 119 -6.98 0.29 -10.50
C CYS B 119 -5.70 -0.54 -10.45
N LEU B 120 -5.74 -1.73 -11.06
CA LEU B 120 -4.56 -2.58 -11.16
C LEU B 120 -4.05 -2.30 -12.57
N PRO B 121 -2.73 -2.24 -12.75
CA PRO B 121 -2.18 -1.96 -14.06
C PRO B 121 -2.29 -3.06 -15.13
N ASP B 122 -2.39 -2.61 -16.38
CA ASP B 122 -2.42 -3.49 -17.55
C ASP B 122 -0.97 -3.42 -18.05
N ARG B 123 -0.57 -4.36 -18.88
CA ARG B 123 0.80 -4.37 -19.38
C ARG B 123 1.28 -3.05 -19.98
N GLU B 124 0.39 -2.39 -20.71
CA GLU B 124 0.73 -1.14 -21.36
C GLU B 124 1.01 -0.03 -20.35
N THR B 125 0.14 0.11 -19.35
CA THR B 125 0.32 1.16 -18.34
C THR B 125 1.62 0.90 -17.57
N ALA B 126 1.85 -0.36 -17.24
CA ALA B 126 3.06 -0.74 -16.51
C ALA B 126 4.27 -0.41 -17.35
N ALA B 127 4.20 -0.72 -18.64
CA ALA B 127 5.29 -0.46 -19.55
C ALA B 127 5.64 1.02 -19.62
N SER B 128 4.63 1.86 -19.77
CA SER B 128 4.89 3.29 -19.87
C SER B 128 5.19 4.03 -18.58
N LEU B 129 4.69 3.54 -17.44
CA LEU B 129 4.92 4.28 -16.21
C LEU B 129 6.03 3.82 -15.29
N LEU B 130 6.31 2.53 -15.28
CA LEU B 130 7.35 2.03 -14.40
C LEU B 130 8.74 2.30 -14.98
N GLN B 131 9.18 3.54 -14.89
CA GLN B 131 10.47 3.95 -15.41
C GLN B 131 11.28 4.71 -14.36
N ALA B 132 12.58 4.46 -14.31
CA ALA B 132 13.44 5.15 -13.34
C ALA B 132 13.24 6.63 -13.48
N GLY B 133 13.11 7.33 -12.36
CA GLY B 133 12.92 8.76 -12.43
C GLY B 133 11.47 9.18 -12.28
N TYR B 134 10.55 8.33 -12.70
CA TYR B 134 9.12 8.63 -12.57
C TYR B 134 8.75 8.46 -11.10
N LYS B 135 7.91 9.35 -10.59
CA LYS B 135 7.52 9.30 -9.19
C LYS B 135 6.20 8.62 -8.94
N GLY B 136 6.14 7.94 -7.80
CA GLY B 136 4.95 7.26 -7.37
C GLY B 136 4.65 7.85 -5.99
N ARG B 137 3.58 7.39 -5.37
CA ARG B 137 3.16 7.92 -4.08
C ARG B 137 2.91 6.78 -3.12
N VAL B 138 3.39 6.92 -1.89
CA VAL B 138 3.21 5.88 -0.88
C VAL B 138 2.47 6.51 0.30
N THR B 139 1.55 5.76 0.89
CA THR B 139 0.79 6.28 2.03
C THR B 139 0.73 5.27 3.17
N GLY B 140 0.56 5.77 4.38
CA GLY B 140 0.47 4.87 5.52
C GLY B 140 0.48 5.56 6.87
N TRP B 141 0.15 4.80 7.91
CA TRP B 141 0.11 5.29 9.29
C TRP B 141 1.31 4.78 10.08
N GLY B 142 2.34 4.33 9.38
CA GLY B 142 3.52 3.81 10.06
C GLY B 142 4.36 4.87 10.73
N ASN B 143 5.44 4.41 11.37
CA ASN B 143 6.37 5.29 12.08
C ASN B 143 6.86 6.45 11.24
N LEU B 144 7.15 7.56 11.91
CA LEU B 144 7.65 8.76 11.27
C LEU B 144 9.17 8.80 11.26
N LYS B 145 9.79 7.91 12.04
CA LYS B 145 11.25 7.85 12.15
C LYS B 145 11.60 6.41 12.41
N GLU B 146 12.82 6.03 12.06
CA GLU B 146 13.27 4.66 12.26
C GLU B 146 13.38 4.31 13.74
N GLY B 155 7.48 8.16 17.35
CA GLY B 155 6.05 8.54 17.35
C GLY B 155 5.37 8.18 16.04
N GLN B 156 4.13 7.71 16.16
CA GLN B 156 3.34 7.36 15.00
C GLN B 156 2.57 8.63 14.66
N PRO B 157 2.12 8.79 13.41
CA PRO B 157 1.39 10.00 13.01
C PRO B 157 -0.03 10.06 13.59
N SER B 158 -0.60 11.25 13.54
CA SER B 158 -1.94 11.47 14.01
C SER B 158 -2.89 11.00 12.89
N VAL B 159 -2.56 11.39 11.66
CA VAL B 159 -3.37 11.02 10.52
C VAL B 159 -2.52 10.38 9.42
N LEU B 160 -3.19 9.90 8.38
CA LEU B 160 -2.53 9.27 7.24
C LEU B 160 -1.46 10.19 6.65
N GLN B 161 -0.26 9.64 6.44
CA GLN B 161 0.86 10.40 5.86
C GLN B 161 1.00 10.01 4.39
N VAL B 162 1.67 10.86 3.64
CA VAL B 162 1.87 10.62 2.22
C VAL B 162 3.24 11.13 1.81
N VAL B 163 3.87 10.45 0.85
CA VAL B 163 5.17 10.87 0.33
C VAL B 163 5.27 10.41 -1.12
N ASN B 164 5.86 11.26 -1.96
CA ASN B 164 6.05 10.97 -3.38
C ASN B 164 7.52 10.61 -3.58
N LEU B 165 7.77 9.47 -4.19
CA LEU B 165 9.15 9.01 -4.39
C LEU B 165 9.44 8.58 -5.80
N PRO B 166 10.67 8.82 -6.26
CA PRO B 166 11.05 8.42 -7.62
C PRO B 166 11.50 6.94 -7.71
N ILE B 167 11.13 6.28 -8.80
CA ILE B 167 11.53 4.90 -9.03
C ILE B 167 13.03 4.92 -9.34
N VAL B 168 13.77 3.97 -8.80
CA VAL B 168 15.22 3.94 -8.99
C VAL B 168 15.67 2.85 -9.96
N GLU B 169 16.78 3.12 -10.66
CA GLU B 169 17.39 2.20 -11.61
C GLU B 169 17.72 0.85 -10.95
N ARG B 170 17.34 -0.25 -11.59
CA ARG B 170 17.62 -1.57 -11.03
C ARG B 170 19.06 -1.76 -10.54
N PRO B 171 20.07 -1.34 -11.34
CA PRO B 171 21.48 -1.47 -10.94
C PRO B 171 21.75 -0.83 -9.59
N VAL B 172 21.24 0.39 -9.41
CA VAL B 172 21.42 1.13 -8.17
C VAL B 172 20.72 0.37 -7.03
N CYS B 173 19.53 -0.18 -7.30
CA CYS B 173 18.82 -0.93 -6.28
C CYS B 173 19.67 -2.11 -5.84
N LYS B 174 20.21 -2.84 -6.82
CA LYS B 174 21.03 -4.02 -6.58
C LYS B 174 22.29 -3.71 -5.77
N ASP B 175 22.96 -2.63 -6.14
CA ASP B 175 24.20 -2.20 -5.48
C ASP B 175 24.07 -1.59 -4.09
N SER B 176 22.84 -1.43 -3.60
CA SER B 176 22.65 -0.82 -2.29
C SER B 176 22.41 -1.85 -1.19
N THR B 177 22.30 -3.11 -1.55
CA THR B 177 22.02 -4.11 -0.54
C THR B 177 22.75 -5.41 -0.82
N ARG B 178 22.78 -6.28 0.18
CA ARG B 178 23.39 -7.60 0.04
C ARG B 178 22.31 -8.57 -0.36
N ILE B 179 21.07 -8.19 -0.11
CA ILE B 179 19.92 -9.05 -0.41
C ILE B 179 19.77 -9.29 -1.91
N ARG B 180 19.43 -10.52 -2.29
CA ARG B 180 19.23 -10.84 -3.69
C ARG B 180 17.89 -10.28 -4.19
N ILE B 181 17.96 -9.35 -5.13
CA ILE B 181 16.76 -8.73 -5.69
C ILE B 181 16.27 -9.49 -6.93
N THR B 182 14.96 -9.66 -7.05
CA THR B 182 14.37 -10.40 -8.17
C THR B 182 13.58 -9.49 -9.11
N ASP B 183 13.07 -10.06 -10.20
CA ASP B 183 12.28 -9.29 -11.16
C ASP B 183 10.91 -8.94 -10.58
N ASN B 184 10.56 -9.52 -9.44
CA ASN B 184 9.28 -9.25 -8.80
C ASN B 184 9.36 -8.10 -7.80
N MET B 185 10.40 -7.29 -7.89
CA MET B 185 10.59 -6.17 -6.98
C MET B 185 11.13 -5.00 -7.75
N PHE B 186 10.92 -3.80 -7.20
CA PHE B 186 11.49 -2.57 -7.74
C PHE B 186 11.76 -1.73 -6.49
N CYS B 187 12.70 -0.80 -6.55
CA CYS B 187 13.00 0.02 -5.39
C CYS B 187 12.75 1.47 -5.73
N ALA B 188 12.49 2.28 -4.71
CA ALA B 188 12.21 3.71 -4.91
C ALA B 188 12.80 4.55 -3.77
N GLY B 189 13.08 5.81 -4.07
CA GLY B 189 13.63 6.68 -3.06
C GLY B 189 14.61 7.63 -3.71
N TYR B 190 14.98 8.67 -2.98
CA TYR B 190 15.92 9.63 -3.49
C TYR B 190 17.36 9.17 -3.23
N LYS B 191 18.25 9.55 -4.14
CA LYS B 191 19.67 9.23 -4.03
C LYS B 191 20.15 10.19 -2.94
N PRO B 192 21.25 9.85 -2.24
CA PRO B 192 21.79 10.71 -1.18
C PRO B 192 22.11 12.14 -1.62
N ASP B 193 22.49 12.31 -2.87
CA ASP B 193 22.81 13.64 -3.37
C ASP B 193 21.60 14.42 -3.86
N GLU B 194 20.47 13.73 -4.05
CA GLU B 194 19.27 14.38 -4.57
C GLU B 194 18.61 15.42 -3.68
N GLY B 195 19.06 15.55 -2.44
CA GLY B 195 18.49 16.55 -1.56
C GLY B 195 17.19 16.19 -0.86
N LYS B 196 16.16 15.88 -1.63
CA LYS B 196 14.89 15.50 -1.04
C LYS B 196 15.06 14.11 -0.46
N ARG B 197 14.20 13.75 0.50
CA ARG B 197 14.24 12.43 1.09
C ARG B 197 12.84 11.92 1.43
N GLY B 198 12.74 10.80 2.12
CA GLY B 198 11.44 10.24 2.45
C GLY B 198 11.48 8.73 2.24
N ASP B 199 10.59 7.99 2.90
CA ASP B 199 10.61 6.54 2.77
C ASP B 199 9.44 5.99 3.59
N ALA B 200 9.15 4.71 3.42
CA ALA B 200 8.13 4.05 4.18
C ALA B 200 8.88 3.61 5.43
N CYS B 201 8.17 3.11 6.43
CA CYS B 201 8.82 2.66 7.65
C CYS B 201 7.92 1.65 8.32
N GLU B 202 8.28 1.21 9.52
CA GLU B 202 7.48 0.22 10.23
C GLU B 202 6.02 0.66 10.31
N GLY B 203 5.10 -0.25 9.96
CA GLY B 203 3.69 0.07 10.00
C GLY B 203 3.10 0.34 8.62
N ASP B 204 3.96 0.76 7.69
CA ASP B 204 3.55 1.05 6.31
C ASP B 204 3.44 -0.17 5.39
N SER B 205 4.10 -1.27 5.77
CA SER B 205 4.09 -2.49 4.96
C SER B 205 2.69 -2.83 4.48
N GLY B 206 2.60 -3.42 3.30
CA GLY B 206 1.31 -3.82 2.77
C GLY B 206 0.58 -2.70 2.09
N GLY B 207 1.04 -1.47 2.30
CA GLY B 207 0.41 -0.33 1.67
C GLY B 207 0.68 -0.20 0.18
N PRO B 208 -0.06 0.68 -0.50
CA PRO B 208 0.11 0.89 -1.94
C PRO B 208 1.12 1.95 -2.38
N PHE B 209 1.79 1.66 -3.49
CA PHE B 209 2.70 2.60 -4.15
C PHE B 209 1.87 2.84 -5.43
N VAL B 210 1.33 4.04 -5.59
CA VAL B 210 0.47 4.31 -6.74
C VAL B 210 1.03 5.36 -7.67
N MET B 211 0.54 5.35 -8.90
CA MET B 211 0.94 6.34 -9.88
C MET B 211 -0.31 6.83 -10.62
N LYS B 212 -0.31 8.09 -11.04
CA LYS B 212 -1.45 8.61 -11.78
C LYS B 212 -1.15 8.61 -13.27
N SER B 213 -1.96 7.88 -14.03
CA SER B 213 -1.77 7.83 -15.47
C SER B 213 -2.08 9.16 -16.15
N PRO B 214 -1.12 9.69 -16.93
CA PRO B 214 -1.35 10.96 -17.63
C PRO B 214 -2.20 10.73 -18.89
N PHE B 215 -2.52 9.46 -19.18
CA PHE B 215 -3.32 9.08 -20.35
C PHE B 215 -4.82 9.09 -20.08
N ASN B 216 -5.24 8.48 -18.99
CA ASN B 216 -6.66 8.44 -18.68
C ASN B 216 -7.02 9.04 -17.32
N ASN B 217 -6.03 9.69 -16.68
CA ASN B 217 -6.18 10.31 -15.37
C ASN B 217 -6.60 9.46 -14.16
N ARG B 218 -6.37 8.16 -14.24
CA ARG B 218 -6.72 7.27 -13.14
C ARG B 218 -5.49 6.91 -12.33
N TRP B 219 -5.72 6.49 -11.10
CA TRP B 219 -4.63 6.05 -10.23
C TRP B 219 -4.49 4.54 -10.34
N TYR B 220 -3.25 4.08 -10.48
CA TYR B 220 -2.97 2.66 -10.60
C TYR B 220 -2.00 2.25 -9.51
N GLN B 221 -2.21 1.09 -8.90
CA GLN B 221 -1.26 0.61 -7.89
C GLN B 221 -0.15 -0.20 -8.58
N MET B 222 1.07 0.33 -8.61
CA MET B 222 2.17 -0.37 -9.26
C MET B 222 2.96 -1.23 -8.27
N GLY B 223 2.92 -0.89 -6.99
CA GLY B 223 3.67 -1.66 -6.00
C GLY B 223 3.02 -1.80 -4.64
N ILE B 224 3.57 -2.70 -3.84
CA ILE B 224 3.13 -2.93 -2.45
C ILE B 224 4.36 -2.73 -1.59
N VAL B 225 4.26 -1.88 -0.57
CA VAL B 225 5.39 -1.62 0.33
C VAL B 225 5.85 -2.98 0.87
N SER B 226 7.08 -3.37 0.58
CA SER B 226 7.53 -4.68 1.00
C SER B 226 8.61 -4.72 2.09
N TRP B 227 9.79 -4.18 1.81
CA TRP B 227 10.85 -4.22 2.79
C TRP B 227 11.91 -3.16 2.57
N GLY B 228 12.72 -2.96 3.60
CA GLY B 228 13.78 -2.00 3.50
C GLY B 228 14.71 -2.29 4.66
N GLU B 229 15.86 -1.64 4.65
CA GLU B 229 16.85 -1.78 5.70
C GLU B 229 16.93 -0.42 6.39
N GLY B 230 16.14 -0.28 7.45
CA GLY B 230 16.07 0.98 8.15
C GLY B 230 14.98 1.81 7.47
N CYS B 231 14.94 3.11 7.77
CA CYS B 231 13.93 3.99 7.17
C CYS B 231 14.61 5.28 6.82
N ASP B 232 14.51 5.67 5.56
CA ASP B 232 15.09 6.90 5.08
C ASP B 232 16.62 7.01 5.33
N ARG B 233 17.31 5.89 5.22
CA ARG B 233 18.76 5.85 5.38
C ARG B 233 19.39 6.28 4.06
N ASP B 234 20.47 7.04 4.11
CA ASP B 234 21.12 7.45 2.87
C ASP B 234 21.77 6.24 2.20
N GLY B 235 21.68 6.18 0.88
CA GLY B 235 22.25 5.06 0.16
C GLY B 235 21.38 3.82 0.20
N LYS B 236 20.26 3.87 0.91
CA LYS B 236 19.36 2.73 0.98
C LYS B 236 18.04 3.13 0.31
N TYR B 237 17.25 2.14 -0.10
CA TYR B 237 15.98 2.41 -0.80
C TYR B 237 14.93 1.44 -0.35
N GLY B 238 13.67 1.83 -0.51
CA GLY B 238 12.61 0.93 -0.13
C GLY B 238 12.34 0.00 -1.29
N PHE B 239 11.93 -1.23 -0.98
CA PHE B 239 11.61 -2.22 -2.00
C PHE B 239 10.13 -2.52 -2.00
N TYR B 240 9.60 -2.66 -3.20
CA TYR B 240 8.17 -2.88 -3.40
C TYR B 240 7.88 -4.08 -4.26
N THR B 241 6.81 -4.79 -3.95
CA THR B 241 6.37 -5.91 -4.75
C THR B 241 5.86 -5.36 -6.09
N HIS B 242 6.35 -5.91 -7.19
CA HIS B 242 5.99 -5.48 -8.54
C HIS B 242 4.62 -6.08 -8.83
N VAL B 243 3.56 -5.28 -8.66
CA VAL B 243 2.20 -5.78 -8.85
C VAL B 243 1.90 -6.36 -10.22
N PHE B 244 2.30 -5.67 -11.28
CA PHE B 244 2.02 -6.19 -12.60
C PHE B 244 2.60 -7.60 -12.87
N ARG B 245 3.82 -7.84 -12.41
CA ARG B 245 4.46 -9.13 -12.61
C ARG B 245 3.68 -10.24 -11.96
N LEU B 246 2.89 -9.91 -10.96
CA LEU B 246 2.11 -10.95 -10.29
C LEU B 246 0.62 -10.87 -10.60
N LYS B 247 0.25 -10.09 -11.60
CA LYS B 247 -1.16 -9.94 -11.93
C LYS B 247 -1.90 -11.21 -12.34
N LYS B 248 -1.22 -12.13 -13.02
CA LYS B 248 -1.87 -13.37 -13.44
C LYS B 248 -2.27 -14.17 -12.20
N TRP B 249 -1.45 -14.12 -11.16
CA TRP B 249 -1.78 -14.85 -9.95
C TRP B 249 -3.02 -14.22 -9.36
N ILE B 250 -3.04 -12.88 -9.36
CA ILE B 250 -4.16 -12.10 -8.83
C ILE B 250 -5.45 -12.43 -9.57
N GLN B 251 -5.37 -12.41 -10.91
CA GLN B 251 -6.53 -12.72 -11.75
C GLN B 251 -7.02 -14.13 -11.45
N LYS B 252 -6.08 -15.05 -11.40
CA LYS B 252 -6.35 -16.45 -11.11
C LYS B 252 -7.16 -16.59 -9.83
N VAL B 253 -6.65 -16.04 -8.74
CA VAL B 253 -7.33 -16.13 -7.46
C VAL B 253 -8.72 -15.51 -7.50
N ILE B 254 -8.81 -14.30 -8.02
CA ILE B 254 -10.09 -13.62 -8.05
C ILE B 254 -11.17 -14.31 -8.87
N ASP B 255 -10.87 -14.70 -10.10
CA ASP B 255 -11.89 -15.35 -10.92
C ASP B 255 -12.16 -16.79 -10.52
N GLN B 256 -11.29 -17.36 -9.70
CA GLN B 256 -11.47 -18.72 -9.25
C GLN B 256 -12.21 -18.75 -7.91
N PHE B 257 -12.02 -17.71 -7.11
CA PHE B 257 -12.66 -17.65 -5.80
C PHE B 257 -13.67 -16.53 -5.64
N GLY B 258 -14.04 -15.91 -6.75
CA GLY B 258 -15.02 -14.83 -6.73
C GLY B 258 -14.41 -13.45 -6.57
N ASP C 1 -2.71 3.32 21.90
CA ASP C 1 -3.54 4.56 22.02
C ASP C 1 -4.75 4.54 21.08
N PHE C 2 -5.13 3.36 20.62
CA PHE C 2 -6.26 3.24 19.73
C PHE C 2 -7.56 3.35 20.49
N GLU C 3 -8.54 3.98 19.87
CA GLU C 3 -9.85 4.18 20.47
C GLU C 3 -10.67 2.92 20.33
N GLU C 4 -11.44 2.63 21.38
CA GLU C 4 -12.29 1.46 21.44
C GLU C 4 -13.19 1.40 20.21
N ILE C 5 -13.23 0.26 19.52
CA ILE C 5 -14.09 0.15 18.36
C ILE C 5 -15.31 -0.65 18.79
N PRO C 6 -16.44 -0.50 18.09
CA PRO C 6 -17.66 -1.24 18.45
C PRO C 6 -17.47 -2.76 18.53
N GLU C 7 -17.91 -3.34 19.64
CA GLU C 7 -17.83 -4.78 19.88
C GLU C 7 -18.58 -5.56 18.81
N GLU C 8 -19.51 -4.90 18.15
CA GLU C 8 -20.29 -5.55 17.10
C GLU C 8 -19.36 -6.13 16.04
N TYS C 9 -18.18 -5.52 15.89
CA TYS C 9 -17.18 -5.96 14.91
CB TYS C 9 -16.36 -4.76 14.43
CG TYS C 9 -17.20 -3.73 13.70
CD1 TYS C 9 -17.92 -4.07 12.56
CD2 TYS C 9 -17.23 -2.43 14.17
CE1 TYS C 9 -18.66 -3.12 11.88
CE2 TYS C 9 -17.96 -1.46 13.49
CZ TYS C 9 -18.69 -1.82 12.34
OH TYS C 9 -19.35 -0.96 11.70
S TYS C 9 -18.76 0.07 10.86
O1 TYS C 9 -18.42 -0.59 9.65
O2 TYS C 9 -17.66 0.74 11.44
O3 TYS C 9 -19.70 1.10 10.52
C TYS C 9 -16.22 -7.00 15.48
O TYS C 9 -15.64 -7.80 14.75
N LEU C 10 -15.96 -6.89 16.78
CA LEU C 10 -15.05 -7.79 17.48
C LEU C 10 -15.54 -9.23 17.49
N GLN C 11 -16.86 -9.40 17.46
CA GLN C 11 -17.50 -10.71 17.48
C GLN C 11 -17.09 -11.62 16.31
C1 CDD D . 14.90 -10.48 4.96
N2 CDD D . 15.49 -9.40 5.46
C3 CDD D . 15.43 -8.22 4.81
C4 CDD D . 14.70 -8.09 3.64
C5 CDD D . 14.06 -9.17 3.13
C6 CDD D . 14.17 -10.39 3.79
C11 CDD D . 16.19 -7.02 5.32
C12 CDD D . 15.60 -6.47 6.59
F13 CDD D . 17.45 -7.42 5.54
F14 CDD D . 16.19 -6.06 4.37
N15 CDD D . 14.42 -5.67 6.31
C18 CDD D . 13.26 -6.45 6.48
C19 CDD D . 11.89 -5.77 6.25
N20 CDD D . 10.81 -6.54 6.51
C21 CDD D . 10.95 -7.95 6.95
C22 CDD D . 12.27 -8.53 7.05
N23 CDD D . 13.35 -7.77 6.79
C24 CDD D . 9.43 -6.05 6.31
C25 CDD D . 9.24 -4.62 6.79
N28 CDD D . 9.09 -3.72 5.78
C29 CDD D . 8.80 -2.33 6.15
C30 CDD D . 9.61 -1.29 5.38
C33 CDD D . 9.45 -1.13 4.00
C34 CDD D . 10.24 -0.18 3.31
C35 CDD D . 11.12 0.66 4.00
C2 CDD D . 11.27 0.51 5.37
C37 CDD D . 10.53 -0.49 6.04
O42 CDD D . 11.85 -4.60 5.87
CL43 CDD D . 9.56 -8.87 7.34
O44 CDD D . 9.24 -4.33 8.00
F1 CDD D . 10.73 -0.78 7.34
O1 CDD D . 16.22 -9.52 6.62
#